data_7EEJ
#
_entry.id   7EEJ
#
_cell.length_a   64.376
_cell.length_b   64.376
_cell.length_c   139.361
_cell.angle_alpha   90.000
_cell.angle_beta   90.000
_cell.angle_gamma   90.000
#
_symmetry.space_group_name_H-M   'P 41 21 2'
#
loop_
_entity.id
_entity.type
_entity.pdbx_description
1 polymer 'glycoside hydrolase family 12 beta-1,3-1,4-glucanase'
2 branched beta-D-mannopyranose-(1-4)-beta-D-mannopyranose-(1-3)-beta-D-mannopyranose-(1-4)-beta-D-mannopyranose
3 non-polymer GLYCEROL
4 water water
#
_entity_poly.entity_id   1
_entity_poly.type   'polypeptide(L)'
_entity_poly.pdbx_seq_one_letter_code
;LDKRQQVTLCEQYGYWSGNGYEINNNLWGRDSATSGWQCSYLDGSSDSGIQWHTTWEWQGGQHDVKSYVYSGKQFPRGQR
ITSINSMQTSVSWYYDTTNVRANVAYDIFTAADPNHVNSSGDYELMIWLAKYGDVQPIGSPVGTVHVNGRNWELWIGMNG
NMKVFSFIAPSPLNSWSGEVKEFFNYLQYNQGYPAGDQHLIVFQMGTEAFTGGPATMTVSHFSANIY
;
_entity_poly.pdbx_strand_id   A
#
loop_
_chem_comp.id
_chem_comp.type
_chem_comp.name
_chem_comp.formula
BMA D-saccharide, beta linking beta-D-mannopyranose 'C6 H12 O6'
GOL non-polymer GLYCEROL 'C3 H8 O3'
#
# COMPACT_ATOMS: atom_id res chain seq x y z
N GLN A 5 -0.05 -23.46 -0.70
CA GLN A 5 -0.53 -22.49 0.26
C GLN A 5 -1.93 -22.83 0.75
N GLN A 6 -2.34 -22.21 1.86
CA GLN A 6 -3.68 -22.42 2.39
C GLN A 6 -4.74 -21.95 1.41
N VAL A 7 -4.53 -20.78 0.81
CA VAL A 7 -5.45 -20.17 -0.13
C VAL A 7 -4.63 -19.65 -1.31
N THR A 8 -5.15 -19.85 -2.52
CA THR A 8 -4.52 -19.35 -3.73
C THR A 8 -5.51 -18.47 -4.48
N LEU A 9 -5.11 -17.25 -4.81
CA LEU A 9 -5.96 -16.27 -5.47
C LEU A 9 -5.30 -15.84 -6.76
N CYS A 10 -5.80 -16.34 -7.89
CA CYS A 10 -5.25 -15.99 -9.19
C CYS A 10 -6.16 -15.10 -10.03
N GLU A 11 -7.46 -15.05 -9.73
CA GLU A 11 -8.36 -14.23 -10.50
C GLU A 11 -8.17 -12.75 -10.17
N GLN A 12 -8.54 -11.89 -11.12
CA GLN A 12 -8.60 -10.47 -10.85
C GLN A 12 -9.60 -10.21 -9.73
N TYR A 13 -9.11 -9.59 -8.66
CA TYR A 13 -9.89 -9.28 -7.47
C TYR A 13 -10.24 -10.50 -6.64
N GLY A 14 -9.52 -11.61 -6.83
CA GLY A 14 -9.64 -12.74 -5.93
C GLY A 14 -9.43 -12.29 -4.50
N TYR A 15 -10.22 -12.83 -3.57
CA TYR A 15 -10.33 -12.22 -2.25
C TYR A 15 -10.34 -13.27 -1.15
N TRP A 16 -9.62 -12.98 -0.07
CA TRP A 16 -9.64 -13.80 1.14
C TRP A 16 -9.81 -12.87 2.33
N SER A 17 -10.55 -13.34 3.34
CA SER A 17 -10.72 -12.54 4.55
C SER A 17 -10.74 -13.46 5.76
N GLY A 18 -9.98 -13.08 6.78
CA GLY A 18 -9.97 -13.83 8.02
C GLY A 18 -9.23 -13.08 9.11
N ASN A 19 -9.64 -13.25 10.37
CA ASN A 19 -8.89 -12.76 11.52
C ASN A 19 -8.73 -11.25 11.56
N GLY A 20 -9.61 -10.51 10.88
CA GLY A 20 -9.45 -9.07 10.84
C GLY A 20 -8.51 -8.58 9.77
N TYR A 21 -8.09 -9.47 8.86
CA TYR A 21 -7.24 -9.18 7.73
C TYR A 21 -7.90 -9.66 6.44
N GLU A 22 -7.35 -9.21 5.31
CA GLU A 22 -7.85 -9.64 4.02
C GLU A 22 -6.70 -9.58 3.03
N ILE A 23 -6.84 -10.30 1.92
CA ILE A 23 -5.92 -10.24 0.80
C ILE A 23 -6.76 -10.06 -0.46
N ASN A 24 -6.30 -9.19 -1.36
CA ASN A 24 -6.97 -8.98 -2.63
C ASN A 24 -5.94 -9.08 -3.73
N ASN A 25 -6.13 -10.04 -4.65
CA ASN A 25 -5.31 -10.17 -5.85
C ASN A 25 -5.76 -9.07 -6.81
N ASN A 26 -5.31 -7.84 -6.51
CA ASN A 26 -5.91 -6.61 -7.04
C ASN A 26 -5.23 -6.20 -8.35
N LEU A 27 -5.57 -6.94 -9.42
CA LEU A 27 -4.96 -6.73 -10.74
C LEU A 27 -5.71 -5.66 -11.52
N TRP A 28 -5.79 -4.48 -10.90
CA TRP A 28 -6.70 -3.46 -11.43
C TRP A 28 -6.24 -2.89 -12.78
N GLY A 29 -4.95 -2.95 -13.07
CA GLY A 29 -4.45 -2.35 -14.30
C GLY A 29 -3.98 -3.38 -15.31
N ARG A 30 -4.47 -4.61 -15.20
CA ARG A 30 -3.93 -5.66 -16.07
C ARG A 30 -4.22 -5.42 -17.56
N ASP A 31 -5.25 -4.64 -17.88
CA ASP A 31 -5.53 -4.32 -19.28
C ASP A 31 -4.42 -3.49 -19.92
N SER A 32 -3.53 -2.90 -19.12
CA SER A 32 -2.40 -2.14 -19.65
C SER A 32 -1.23 -3.02 -20.05
N ALA A 33 -1.26 -4.31 -19.71
CA ALA A 33 -0.15 -5.20 -20.01
C ALA A 33 -0.36 -5.85 -21.37
N THR A 34 0.75 -6.12 -22.06
CA THR A 34 0.68 -6.95 -23.26
C THR A 34 0.63 -8.44 -22.93
N SER A 35 1.23 -8.84 -21.80
CA SER A 35 1.18 -10.21 -21.34
C SER A 35 1.47 -10.25 -19.85
N GLY A 36 1.11 -11.36 -19.22
CA GLY A 36 1.44 -11.55 -17.83
C GLY A 36 0.36 -12.18 -16.99
N TRP A 37 0.66 -12.39 -15.71
CA TRP A 37 -0.25 -13.06 -14.79
C TRP A 37 0.22 -12.74 -13.38
N GLN A 38 -0.65 -13.01 -12.40
CA GLN A 38 -0.25 -12.79 -11.01
C GLN A 38 -1.21 -13.53 -10.09
N CYS A 39 -0.64 -14.17 -9.07
CA CYS A 39 -1.43 -14.83 -8.03
C CYS A 39 -0.95 -14.37 -6.67
N SER A 40 -1.84 -14.43 -5.69
CA SER A 40 -1.50 -14.16 -4.30
C SER A 40 -1.87 -15.40 -3.49
N TYR A 41 -1.08 -15.66 -2.45
CA TYR A 41 -1.19 -16.91 -1.69
C TYR A 41 -1.14 -16.58 -0.21
N LEU A 42 -2.09 -17.11 0.55
CA LEU A 42 -2.06 -17.00 2.00
C LEU A 42 -1.20 -18.12 2.56
N ASP A 43 -0.19 -17.75 3.37
CA ASP A 43 0.60 -18.76 4.05
C ASP A 43 0.13 -19.04 5.47
N GLY A 44 -0.46 -18.07 6.14
CA GLY A 44 -0.97 -18.28 7.47
C GLY A 44 -1.65 -17.03 7.98
N SER A 45 -2.51 -17.22 8.98
CA SER A 45 -3.19 -16.06 9.55
C SER A 45 -3.56 -16.33 11.00
N SER A 46 -3.52 -15.27 11.81
CA SER A 46 -4.05 -15.28 13.16
C SER A 46 -4.52 -13.87 13.50
N ASP A 47 -5.12 -13.73 14.69
CA ASP A 47 -5.51 -12.40 15.14
C ASP A 47 -4.30 -11.47 15.26
N SER A 48 -3.08 -12.01 15.32
CA SER A 48 -1.89 -11.21 15.51
C SER A 48 -1.21 -10.84 14.19
N GLY A 49 -1.74 -11.27 13.07
CA GLY A 49 -1.15 -10.91 11.80
C GLY A 49 -1.20 -12.05 10.80
N ILE A 50 -0.70 -11.79 9.59
CA ILE A 50 -0.77 -12.76 8.51
C ILE A 50 0.56 -12.85 7.79
N GLN A 51 0.70 -13.92 7.02
CA GLN A 51 1.86 -14.17 6.19
C GLN A 51 1.33 -14.56 4.83
N TRP A 52 1.90 -13.98 3.77
CA TRP A 52 1.38 -14.24 2.43
C TRP A 52 2.51 -13.97 1.45
N HIS A 53 2.26 -14.34 0.19
CA HIS A 53 3.22 -14.02 -0.87
C HIS A 53 2.47 -13.87 -2.18
N THR A 54 3.15 -13.28 -3.16
CA THR A 54 2.56 -13.10 -4.47
C THR A 54 3.64 -13.30 -5.51
N THR A 55 3.26 -13.92 -6.63
CA THR A 55 4.18 -14.15 -7.74
C THR A 55 3.55 -13.61 -9.00
N TRP A 56 4.36 -12.98 -9.85
CA TRP A 56 3.81 -12.27 -11.00
C TRP A 56 4.86 -12.15 -12.10
N GLU A 57 4.36 -12.01 -13.34
CA GLU A 57 5.14 -11.47 -14.44
C GLU A 57 4.23 -10.57 -15.25
N TRP A 58 4.72 -9.39 -15.63
CA TRP A 58 3.95 -8.44 -16.43
C TRP A 58 4.89 -7.79 -17.44
N GLN A 59 4.39 -7.62 -18.67
CA GLN A 59 5.16 -6.98 -19.72
C GLN A 59 4.27 -5.99 -20.45
N GLY A 60 4.91 -4.97 -21.05
CA GLY A 60 4.19 -3.91 -21.72
C GLY A 60 3.68 -2.87 -20.74
N GLY A 61 3.18 -1.76 -21.30
CA GLY A 61 2.65 -0.68 -20.48
C GLY A 61 3.66 -0.15 -19.49
N GLN A 62 4.81 0.29 -20.02
CA GLN A 62 6.00 0.58 -19.23
C GLN A 62 5.72 1.40 -17.97
N HIS A 63 4.91 2.45 -18.08
CA HIS A 63 4.69 3.30 -16.92
C HIS A 63 3.30 3.15 -16.31
N ASP A 64 2.63 2.04 -16.59
CA ASP A 64 1.30 1.74 -16.08
C ASP A 64 1.39 0.66 -15.01
N VAL A 65 0.86 0.95 -13.83
CA VAL A 65 0.72 -0.09 -12.81
C VAL A 65 -0.23 -1.16 -13.33
N LYS A 66 0.19 -2.43 -13.26
CA LYS A 66 -0.67 -3.54 -13.60
C LYS A 66 -1.52 -4.02 -12.44
N SER A 67 -1.03 -3.87 -11.22
CA SER A 67 -1.66 -4.48 -10.06
C SER A 67 -1.09 -3.84 -8.80
N TYR A 68 -1.87 -3.90 -7.73
CA TYR A 68 -1.41 -3.59 -6.38
C TYR A 68 -2.06 -4.65 -5.50
N VAL A 69 -1.53 -5.87 -5.56
CA VAL A 69 -2.04 -6.88 -4.65
C VAL A 69 -1.62 -6.52 -3.24
N TYR A 70 -2.50 -6.77 -2.28
CA TYR A 70 -2.28 -6.25 -0.93
C TYR A 70 -2.88 -7.16 0.12
N SER A 71 -2.36 -7.02 1.33
CA SER A 71 -3.04 -7.44 2.53
C SER A 71 -3.57 -6.19 3.22
N GLY A 72 -4.84 -6.20 3.59
CA GLY A 72 -5.47 -5.06 4.24
C GLY A 72 -5.82 -5.38 5.68
N LYS A 73 -5.75 -4.37 6.54
CA LYS A 73 -6.29 -4.46 7.89
C LYS A 73 -7.74 -4.00 7.87
N GLN A 74 -8.62 -4.80 8.48
CA GLN A 74 -10.03 -4.45 8.54
C GLN A 74 -10.34 -3.63 9.78
N PHE A 75 -11.37 -2.83 9.68
CA PHE A 75 -11.76 -1.93 10.76
C PHE A 75 -13.14 -1.39 10.45
N PRO A 76 -13.86 -0.89 11.45
CA PRO A 76 -15.18 -0.30 11.19
C PRO A 76 -15.07 0.99 10.41
N ARG A 77 -16.02 1.21 9.51
CA ARG A 77 -16.13 2.51 8.86
C ARG A 77 -16.56 3.57 9.89
N GLY A 78 -16.20 4.81 9.63
CA GLY A 78 -16.61 5.93 10.45
C GLY A 78 -15.58 6.49 11.41
N GLN A 79 -14.31 6.05 11.32
CA GLN A 79 -13.27 6.54 12.21
C GLN A 79 -12.66 7.80 11.59
N ARG A 80 -12.90 8.96 12.20
CA ARG A 80 -12.23 10.18 11.78
C ARG A 80 -10.74 10.09 12.12
N ILE A 81 -9.91 10.65 11.24
CA ILE A 81 -8.47 10.54 11.43
C ILE A 81 -8.05 11.14 12.77
N THR A 82 -8.64 12.27 13.14
CA THR A 82 -8.31 12.91 14.40
C THR A 82 -8.84 12.15 15.61
N SER A 83 -9.76 11.21 15.42
CA SER A 83 -10.23 10.36 16.51
C SER A 83 -9.37 9.12 16.72
N ILE A 84 -8.46 8.83 15.80
CA ILE A 84 -7.61 7.65 15.90
C ILE A 84 -6.37 8.00 16.69
N ASN A 85 -6.12 7.23 17.76
CA ASN A 85 -4.98 7.48 18.63
C ASN A 85 -3.69 6.91 18.05
N SER A 86 -3.77 5.73 17.43
CA SER A 86 -2.59 5.04 16.94
C SER A 86 -2.96 4.18 15.75
N MET A 87 -2.07 4.13 14.77
CA MET A 87 -2.18 3.27 13.59
C MET A 87 -0.83 2.58 13.41
N GLN A 88 -0.48 1.73 14.36
CA GLN A 88 0.78 1.04 14.30
C GLN A 88 0.72 -0.12 13.32
N THR A 89 1.84 -0.40 12.68
CA THR A 89 1.90 -1.51 11.73
C THR A 89 3.31 -2.06 11.72
N SER A 90 3.41 -3.35 11.47
CA SER A 90 4.71 -4.01 11.36
C SER A 90 4.68 -4.90 10.14
N VAL A 91 5.77 -4.89 9.39
CA VAL A 91 5.86 -5.73 8.21
C VAL A 91 7.30 -6.19 8.03
N SER A 92 7.44 -7.42 7.58
CA SER A 92 8.71 -7.93 7.07
C SER A 92 8.43 -8.57 5.73
N TRP A 93 9.20 -8.18 4.71
CA TRP A 93 8.97 -8.69 3.36
C TRP A 93 10.29 -8.77 2.62
N TYR A 94 10.30 -9.53 1.53
CA TYR A 94 11.46 -9.55 0.64
C TYR A 94 11.03 -9.99 -0.75
N TYR A 95 11.65 -9.40 -1.78
CA TYR A 95 11.49 -9.87 -3.15
C TYR A 95 12.60 -10.87 -3.45
N ASP A 96 12.27 -11.91 -4.23
CA ASP A 96 13.27 -12.93 -4.52
C ASP A 96 14.31 -12.44 -5.53
N THR A 97 13.94 -11.47 -6.36
CA THR A 97 14.87 -10.74 -7.20
C THR A 97 14.45 -9.28 -7.19
N THR A 98 15.42 -8.38 -7.26
CA THR A 98 15.12 -6.96 -7.42
C THR A 98 15.14 -6.52 -8.88
N ASN A 99 15.28 -7.46 -9.81
CA ASN A 99 15.26 -7.17 -11.25
C ASN A 99 13.82 -7.07 -11.73
N VAL A 100 13.10 -6.12 -11.13
CA VAL A 100 11.71 -5.83 -11.49
C VAL A 100 11.55 -4.32 -11.46
N ARG A 101 10.49 -3.86 -12.11
CA ARG A 101 10.06 -2.46 -12.00
C ARG A 101 8.78 -2.50 -11.18
N ALA A 102 8.90 -2.12 -9.91
CA ALA A 102 7.84 -2.34 -8.94
C ALA A 102 8.21 -1.57 -7.68
N ASN A 103 7.23 -1.42 -6.79
CA ASN A 103 7.51 -0.87 -5.47
C ASN A 103 6.92 -1.80 -4.41
N VAL A 104 7.21 -1.48 -3.16
CA VAL A 104 6.54 -2.07 -2.01
C VAL A 104 6.01 -0.90 -1.22
N ALA A 105 4.71 -0.90 -0.96
CA ALA A 105 4.12 0.32 -0.43
C ALA A 105 2.89 0.03 0.40
N TYR A 106 2.72 0.83 1.44
CA TYR A 106 1.43 0.94 2.09
C TYR A 106 0.56 1.90 1.29
N ASP A 107 -0.75 1.64 1.31
CA ASP A 107 -1.73 2.48 0.64
C ASP A 107 -2.88 2.72 1.60
N ILE A 108 -3.21 3.99 1.82
CA ILE A 108 -4.28 4.41 2.73
C ILE A 108 -5.13 5.43 1.99
N PHE A 109 -6.45 5.21 1.97
CA PHE A 109 -7.39 6.20 1.44
C PHE A 109 -8.16 6.79 2.60
N THR A 110 -8.44 8.09 2.53
CA THR A 110 -9.36 8.73 3.47
C THR A 110 -10.40 9.50 2.68
N ALA A 111 -11.55 9.74 3.30
CA ALA A 111 -12.62 10.46 2.63
C ALA A 111 -13.54 11.11 3.66
N ALA A 112 -14.09 12.26 3.28
CA ALA A 112 -15.11 12.89 4.12
C ALA A 112 -16.33 12.00 4.27
N ASP A 113 -16.73 11.31 3.20
CA ASP A 113 -17.82 10.36 3.28
C ASP A 113 -17.29 9.07 3.92
N PRO A 114 -17.73 8.72 5.14
CA PRO A 114 -17.22 7.49 5.76
C PRO A 114 -17.56 6.24 4.98
N ASN A 115 -18.55 6.29 4.09
CA ASN A 115 -18.97 5.14 3.31
C ASN A 115 -18.43 5.16 1.89
N HIS A 116 -17.40 5.97 1.64
CA HIS A 116 -16.76 6.04 0.34
C HIS A 116 -16.34 4.64 -0.12
N VAL A 117 -16.45 4.41 -1.44
CA VAL A 117 -16.00 3.14 -2.00
C VAL A 117 -14.52 2.94 -1.70
N ASN A 118 -14.11 1.68 -1.57
CA ASN A 118 -12.75 1.38 -1.11
C ASN A 118 -11.68 1.55 -2.19
N SER A 119 -12.04 1.90 -3.42
CA SER A 119 -11.10 1.97 -4.53
C SER A 119 -10.45 3.33 -4.70
N SER A 120 -10.86 4.33 -3.92
CA SER A 120 -10.25 5.65 -3.95
C SER A 120 -10.70 6.39 -2.71
N GLY A 121 -10.30 7.65 -2.61
CA GLY A 121 -10.78 8.52 -1.55
C GLY A 121 -10.61 9.97 -1.95
N ASP A 122 -10.92 10.86 -1.01
CA ASP A 122 -10.56 12.27 -1.19
C ASP A 122 -9.06 12.44 -1.23
N TYR A 123 -8.35 11.69 -0.38
CA TYR A 123 -6.90 11.78 -0.24
C TYR A 123 -6.32 10.38 -0.20
N GLU A 124 -5.08 10.27 -0.65
CA GLU A 124 -4.36 9.01 -0.60
C GLU A 124 -3.01 9.24 0.04
N LEU A 125 -2.62 8.32 0.92
CA LEU A 125 -1.32 8.36 1.57
C LEU A 125 -0.62 7.06 1.21
N MET A 126 0.52 7.14 0.53
CA MET A 126 1.33 5.98 0.24
C MET A 126 2.65 6.10 0.98
N ILE A 127 3.16 4.96 1.45
CA ILE A 127 4.47 4.92 2.08
C ILE A 127 5.23 3.83 1.33
N TRP A 128 6.21 4.24 0.52
CA TRP A 128 6.99 3.31 -0.30
C TRP A 128 8.19 2.82 0.49
N LEU A 129 8.14 1.56 0.91
CA LEU A 129 9.27 0.95 1.58
C LEU A 129 10.38 0.55 0.63
N ALA A 130 10.09 0.37 -0.65
CA ALA A 130 11.09 0.05 -1.63
C ALA A 130 10.61 0.51 -3.00
N LYS A 131 11.57 0.83 -3.85
CA LYS A 131 11.31 1.29 -5.21
C LYS A 131 12.36 0.65 -6.10
N TYR A 132 11.93 -0.23 -7.00
CA TYR A 132 12.85 -0.94 -7.90
C TYR A 132 12.64 -0.46 -9.33
N GLY A 133 13.74 -0.09 -9.98
CA GLY A 133 13.64 0.49 -11.29
C GLY A 133 13.28 1.96 -11.26
N ASP A 134 12.92 2.46 -12.44
CA ASP A 134 12.71 3.89 -12.64
C ASP A 134 11.27 4.32 -12.42
N VAL A 135 10.48 3.52 -11.70
CA VAL A 135 9.08 3.86 -11.47
C VAL A 135 9.00 5.09 -10.56
N GLN A 136 8.02 5.93 -10.81
CA GLN A 136 7.89 7.19 -10.09
C GLN A 136 6.52 7.28 -9.41
N PRO A 137 6.45 7.94 -8.26
CA PRO A 137 5.16 8.20 -7.64
C PRO A 137 4.37 9.23 -8.45
N ILE A 138 3.10 9.36 -8.08
CA ILE A 138 2.26 10.43 -8.63
C ILE A 138 2.83 11.79 -8.25
N GLY A 139 2.81 12.72 -9.21
CA GLY A 139 3.13 14.10 -8.93
C GLY A 139 4.60 14.45 -9.03
N SER A 140 5.06 15.30 -8.12
CA SER A 140 6.42 15.81 -8.10
C SER A 140 6.97 15.77 -6.68
N PRO A 141 8.28 15.56 -6.53
CA PRO A 141 8.88 15.56 -5.19
C PRO A 141 8.99 16.98 -4.66
N VAL A 142 8.76 17.13 -3.36
CA VAL A 142 8.80 18.44 -2.70
C VAL A 142 9.91 18.55 -1.68
N GLY A 143 10.68 17.50 -1.46
CA GLY A 143 11.80 17.55 -0.53
C GLY A 143 11.77 16.39 0.44
N THR A 144 12.78 16.35 1.28
CA THR A 144 12.94 15.29 2.27
C THR A 144 12.33 15.72 3.59
N VAL A 145 11.59 14.80 4.22
CA VAL A 145 10.91 15.06 5.47
C VAL A 145 11.27 13.97 6.48
N HIS A 146 11.32 14.34 7.76
CA HIS A 146 11.62 13.40 8.84
C HIS A 146 10.29 13.06 9.51
N VAL A 147 9.87 11.80 9.39
CA VAL A 147 8.59 11.34 9.91
C VAL A 147 8.79 9.99 10.56
N ASN A 148 8.33 9.84 11.82
CA ASN A 148 8.34 8.54 12.49
C ASN A 148 9.77 7.98 12.53
N GLY A 149 10.73 8.87 12.83
CA GLY A 149 12.11 8.46 13.05
C GLY A 149 12.91 8.17 11.80
N ARG A 150 12.37 8.42 10.62
CA ARG A 150 13.09 8.16 9.39
C ARG A 150 12.89 9.30 8.42
N ASN A 151 13.74 9.35 7.40
CA ASN A 151 13.66 10.35 6.35
C ASN A 151 12.96 9.77 5.13
N TRP A 152 12.17 10.61 4.46
CA TRP A 152 11.38 10.21 3.31
C TRP A 152 11.41 11.34 2.30
N GLU A 153 11.50 10.99 1.02
CA GLU A 153 11.25 11.97 -0.03
C GLU A 153 9.75 12.04 -0.23
N LEU A 154 9.18 13.23 -0.05
CA LEU A 154 7.74 13.42 -0.15
C LEU A 154 7.37 13.86 -1.57
N TRP A 155 6.47 13.12 -2.20
CA TRP A 155 5.90 13.44 -3.50
C TRP A 155 4.44 13.82 -3.31
N ILE A 156 4.00 14.85 -4.04
CA ILE A 156 2.61 15.30 -3.96
C ILE A 156 2.09 15.47 -5.37
N GLY A 157 0.89 14.95 -5.62
CA GLY A 157 0.28 15.05 -6.94
C GLY A 157 -1.20 14.79 -6.86
N MET A 158 -1.85 14.87 -8.03
CA MET A 158 -3.27 14.61 -8.17
C MET A 158 -3.49 13.39 -9.05
N ASN A 159 -4.42 12.55 -8.65
CA ASN A 159 -4.94 11.46 -9.48
C ASN A 159 -6.41 11.77 -9.64
N GLY A 160 -6.76 12.40 -10.75
CA GLY A 160 -8.11 12.94 -10.86
C GLY A 160 -8.30 13.99 -9.79
N ASN A 161 -9.42 13.90 -9.08
CA ASN A 161 -9.72 14.80 -7.98
C ASN A 161 -9.14 14.34 -6.64
N MET A 162 -8.37 13.25 -6.62
CA MET A 162 -7.81 12.72 -5.39
C MET A 162 -6.36 13.22 -5.23
N LYS A 163 -6.05 13.78 -4.06
CA LYS A 163 -4.71 14.26 -3.79
C LYS A 163 -3.90 13.13 -3.18
N VAL A 164 -2.69 12.90 -3.69
CA VAL A 164 -1.87 11.75 -3.36
C VAL A 164 -0.56 12.24 -2.74
N PHE A 165 -0.29 11.80 -1.51
CA PHE A 165 0.97 12.07 -0.84
C PHE A 165 1.71 10.73 -0.75
N SER A 166 2.92 10.69 -1.31
CA SER A 166 3.73 9.48 -1.33
C SER A 166 5.05 9.76 -0.63
N PHE A 167 5.34 9.00 0.43
CA PHE A 167 6.58 9.10 1.20
C PHE A 167 7.50 7.96 0.76
N ILE A 168 8.67 8.29 0.22
CA ILE A 168 9.56 7.30 -0.40
C ILE A 168 10.78 7.09 0.51
N ALA A 169 11.02 5.84 0.91
CA ALA A 169 12.22 5.54 1.68
C ALA A 169 13.46 5.70 0.80
N PRO A 170 14.58 6.14 1.37
CA PRO A 170 15.80 6.31 0.55
C PRO A 170 16.48 5.01 0.16
N SER A 171 16.23 3.93 0.89
CA SER A 171 16.72 2.60 0.55
C SER A 171 15.70 1.60 1.03
N PRO A 172 15.68 0.39 0.45
CA PRO A 172 14.61 -0.57 0.79
C PRO A 172 14.56 -0.89 2.28
N LEU A 173 13.36 -0.81 2.84
CA LEU A 173 13.10 -1.14 4.24
C LEU A 173 12.36 -2.47 4.25
N ASN A 174 13.11 -3.56 4.35
CA ASN A 174 12.50 -4.89 4.33
C ASN A 174 11.76 -5.21 5.62
N SER A 175 12.16 -4.60 6.72
CA SER A 175 11.47 -4.77 8.00
C SER A 175 11.16 -3.38 8.53
N TRP A 176 9.90 -3.14 8.89
CA TRP A 176 9.49 -1.79 9.28
C TRP A 176 8.42 -1.91 10.34
N SER A 177 8.60 -1.17 11.42
CA SER A 177 7.59 -1.01 12.46
C SER A 177 7.27 0.48 12.49
N GLY A 178 6.08 0.84 12.04
CA GLY A 178 5.74 2.24 11.87
C GLY A 178 4.53 2.67 12.68
N GLU A 179 4.38 3.98 12.84
CA GLU A 179 3.21 4.60 13.44
C GLU A 179 2.65 5.52 12.36
N VAL A 180 1.62 5.04 11.65
CA VAL A 180 1.11 5.80 10.52
C VAL A 180 0.43 7.10 10.95
N LYS A 181 -0.03 7.22 12.21
CA LYS A 181 -0.58 8.49 12.64
C LYS A 181 0.46 9.62 12.51
N GLU A 182 1.74 9.31 12.62
CA GLU A 182 2.78 10.33 12.45
C GLU A 182 2.76 10.92 11.05
N PHE A 183 2.46 10.10 10.04
CA PHE A 183 2.37 10.62 8.68
C PHE A 183 1.15 11.51 8.54
N PHE A 184 0.02 11.11 9.09
CA PHE A 184 -1.16 11.98 9.06
C PHE A 184 -0.89 13.27 9.82
N ASN A 185 -0.21 13.17 10.96
CA ASN A 185 0.15 14.37 11.72
C ASN A 185 1.03 15.29 10.89
N TYR A 186 2.05 14.73 10.24
CA TYR A 186 2.89 15.57 9.38
C TYR A 186 2.05 16.28 8.33
N LEU A 187 1.16 15.56 7.64
CA LEU A 187 0.37 16.19 6.59
C LEU A 187 -0.60 17.22 7.16
N GLN A 188 -1.17 16.94 8.33
CA GLN A 188 -2.15 17.85 8.91
C GLN A 188 -1.53 19.21 9.20
N TYR A 189 -0.29 19.22 9.73
CA TYR A 189 0.36 20.46 10.17
C TYR A 189 1.37 21.02 9.16
N ASN A 190 1.67 20.32 8.08
CA ASN A 190 2.62 20.82 7.09
C ASN A 190 2.09 20.87 5.67
N GLN A 191 0.98 20.18 5.36
CA GLN A 191 0.47 20.15 3.99
C GLN A 191 -1.02 20.48 3.91
N GLY A 192 -1.59 21.06 4.97
CA GLY A 192 -2.97 21.47 4.94
C GLY A 192 -3.96 20.33 4.86
N TYR A 193 -3.57 19.13 5.24
CA TYR A 193 -4.48 18.00 5.15
C TYR A 193 -5.56 18.12 6.23
N PRO A 194 -6.95 18.11 5.82
CA PRO A 194 -8.05 18.32 6.79
C PRO A 194 -8.39 17.05 7.56
N ALA A 195 -7.47 16.66 8.46
CA ALA A 195 -7.61 15.40 9.17
C ALA A 195 -8.91 15.32 9.96
N GLY A 196 -9.41 16.43 10.47
CA GLY A 196 -10.63 16.40 11.26
C GLY A 196 -11.89 16.18 10.45
N ASP A 197 -11.82 16.32 9.12
CA ASP A 197 -12.96 16.10 8.26
C ASP A 197 -12.88 14.77 7.52
N GLN A 198 -11.84 13.97 7.74
CA GLN A 198 -11.57 12.80 6.93
C GLN A 198 -11.73 11.53 7.75
N HIS A 199 -12.24 10.48 7.11
CA HIS A 199 -12.43 9.17 7.73
C HIS A 199 -11.54 8.14 7.05
N LEU A 200 -11.08 7.16 7.83
CA LEU A 200 -10.25 6.10 7.29
C LEU A 200 -11.10 5.16 6.43
N ILE A 201 -10.63 4.88 5.22
CA ILE A 201 -11.34 4.05 4.25
C ILE A 201 -10.67 2.68 4.07
N VAL A 202 -9.36 2.66 3.77
CA VAL A 202 -8.58 1.43 3.70
C VAL A 202 -7.21 1.66 4.32
N PHE A 203 -6.59 0.54 4.72
CA PHE A 203 -5.24 0.51 5.27
C PHE A 203 -4.59 -0.76 4.75
N GLN A 204 -3.65 -0.62 3.80
CA GLN A 204 -3.19 -1.76 3.03
C GLN A 204 -1.67 -1.75 2.90
N MET A 205 -1.10 -2.95 2.75
CA MET A 205 0.31 -3.11 2.41
C MET A 205 0.41 -4.06 1.22
N GLY A 206 1.25 -3.72 0.25
CA GLY A 206 1.39 -4.58 -0.90
C GLY A 206 2.49 -4.11 -1.84
N THR A 207 2.35 -4.44 -3.12
CA THR A 207 3.37 -4.13 -4.11
C THR A 207 2.67 -3.65 -5.38
N GLU A 208 3.08 -2.49 -5.90
CA GLU A 208 2.64 -2.04 -7.22
C GLU A 208 3.61 -2.63 -8.26
N ALA A 209 3.08 -3.50 -9.13
CA ALA A 209 3.89 -4.16 -10.14
C ALA A 209 3.69 -3.48 -11.49
N PHE A 210 4.80 -3.08 -12.12
CA PHE A 210 4.74 -2.46 -13.44
C PHE A 210 5.16 -3.46 -14.50
N THR A 211 6.45 -3.83 -14.53
CA THR A 211 6.96 -4.78 -15.50
C THR A 211 8.03 -5.65 -14.85
N GLY A 212 8.29 -6.80 -15.47
CA GLY A 212 9.31 -7.71 -15.02
C GLY A 212 8.75 -9.07 -14.65
N GLY A 213 9.64 -9.93 -14.15
CA GLY A 213 9.23 -11.20 -13.62
C GLY A 213 9.65 -12.37 -14.48
N PRO A 214 9.32 -13.60 -14.05
CA PRO A 214 8.58 -13.92 -12.83
C PRO A 214 9.34 -13.56 -11.56
N ALA A 215 8.60 -13.04 -10.59
CA ALA A 215 9.19 -12.57 -9.34
C ALA A 215 8.17 -12.81 -8.25
N THR A 216 8.66 -12.98 -7.03
CA THR A 216 7.82 -13.26 -5.87
C THR A 216 8.17 -12.27 -4.77
N MET A 217 7.15 -11.63 -4.20
CA MET A 217 7.30 -10.88 -2.97
C MET A 217 6.72 -11.71 -1.85
N THR A 218 7.53 -11.98 -0.84
CA THR A 218 7.11 -12.73 0.34
C THR A 218 6.92 -11.76 1.49
N VAL A 219 5.75 -11.82 2.13
CA VAL A 219 5.48 -11.07 3.34
C VAL A 219 5.54 -12.05 4.49
N SER A 220 6.67 -12.06 5.21
CA SER A 220 6.84 -12.97 6.35
C SER A 220 5.95 -12.59 7.52
N HIS A 221 5.58 -11.32 7.61
CA HIS A 221 4.66 -10.88 8.64
C HIS A 221 4.03 -9.56 8.22
N PHE A 222 2.71 -9.45 8.39
CA PHE A 222 2.03 -8.17 8.30
C PHE A 222 1.02 -8.09 9.42
N SER A 223 1.03 -6.98 10.15
CA SER A 223 0.02 -6.72 11.17
C SER A 223 -0.18 -5.22 11.28
N ALA A 224 -1.35 -4.85 11.77
CA ALA A 224 -1.63 -3.46 12.06
C ALA A 224 -2.54 -3.42 13.28
N ASN A 225 -2.44 -2.34 14.04
CA ASN A 225 -3.21 -2.17 15.26
C ASN A 225 -3.70 -0.74 15.28
N ILE A 226 -5.00 -0.57 15.18
CA ILE A 226 -5.61 0.75 15.16
C ILE A 226 -6.36 0.91 16.46
N TYR A 227 -6.06 1.98 17.20
CA TYR A 227 -6.84 2.27 18.40
C TYR A 227 -7.00 3.76 18.67
C1 BMA B . -2.07 4.73 -6.14
C2 BMA B . -3.46 5.35 -6.49
C3 BMA B . -4.66 4.38 -6.68
C4 BMA B . -4.26 2.89 -6.79
C5 BMA B . -3.04 2.62 -5.88
C6 BMA B . -2.61 1.20 -5.90
O1 BMA B . -1.07 5.45 -6.87
O2 BMA B . -3.38 6.29 -7.53
O3 BMA B . -5.51 4.78 -7.76
O4 BMA B . -5.31 2.31 -6.12
O5 BMA B . -1.96 3.38 -6.41
O6 BMA B . -2.13 0.91 -7.22
C1 BMA B . -5.86 1.50 -7.17
C2 BMA B . -6.42 0.09 -6.62
C3 BMA B . -7.96 -0.23 -6.94
C4 BMA B . -8.62 0.78 -7.90
C5 BMA B . -7.54 1.43 -8.76
C6 BMA B . -8.08 2.28 -9.88
O2 BMA B . -6.11 -0.18 -5.28
O3 BMA B . -8.84 -0.58 -5.83
O4 BMA B . -9.49 0.07 -8.72
O5 BMA B . -6.78 2.25 -7.90
O6 BMA B . -8.96 3.25 -9.32
C1 BMA B . -9.32 -1.92 -6.16
C2 BMA B . -9.32 -2.92 -4.86
C3 BMA B . -10.58 -3.87 -4.71
C4 BMA B . -11.72 -3.66 -5.74
C5 BMA B . -11.11 -3.18 -7.06
C6 BMA B . -12.10 -3.13 -8.20
O2 BMA B . -9.00 -2.31 -3.62
O3 BMA B . -11.09 -3.87 -3.37
O4 BMA B . -12.23 -4.92 -6.00
O5 BMA B . -10.62 -1.87 -6.78
O6 BMA B . -13.22 -2.37 -7.79
C1 BMA B . -13.36 -5.29 -5.21
C2 BMA B . -14.40 -6.08 -6.10
C3 BMA B . -15.27 -7.11 -5.30
C4 BMA B . -14.65 -7.61 -3.97
C5 BMA B . -13.94 -6.45 -3.25
C6 BMA B . -13.36 -6.83 -1.91
O2 BMA B . -13.79 -6.77 -7.17
O3 BMA B . -15.59 -8.22 -6.12
O4 BMA B . -15.68 -8.13 -3.11
O5 BMA B . -12.89 -6.03 -4.12
O6 BMA B . -12.95 -5.62 -1.25
C1 GOL C . -12.96 -0.75 6.12
O1 GOL C . -13.97 -1.06 5.18
C2 GOL C . -11.66 -1.51 5.81
O2 GOL C . -11.12 -1.12 4.57
C3 GOL C . -11.93 -3.00 5.75
O3 GOL C . -12.54 -3.39 6.96
C1 GOL D . -13.55 -14.55 1.58
O1 GOL D . -14.76 -14.55 0.86
C2 GOL D . -13.30 -15.94 2.14
O2 GOL D . -11.97 -15.94 2.59
C3 GOL D . -14.16 -16.14 3.38
O3 GOL D . -13.93 -15.04 4.23
#